data_5U7B
#
_entry.id   5U7B
#
_cell.length_a   37.860
_cell.length_b   88.802
_cell.length_c   55.010
_cell.angle_alpha   90.000
_cell.angle_beta   97.190
_cell.angle_gamma   90.000
#
_symmetry.space_group_name_H-M   'P 1 21 1'
#
loop_
_entity.id
_entity.type
_entity.pdbx_description
1 polymer 'Alkylmercury lyase'
2 non-polymer 'BROMIDE ION'
3 non-polymer 'ACETATE ION'
4 non-polymer 'Diethyltin dichloride'
5 water water
#
_entity_poly.entity_id   1
_entity_poly.type   'polypeptide(L)'
_entity_poly.pdbx_seq_one_letter_code
;MKLAPYILELLTSVNRTNGTADLLVPLLRELAKGRPVSRTTLAGILDWPAERVAAVLEQATSTEYDKDGNIIGYGLTLRE
TSYVFEIDDRRLYAWCALDTLIFPALIGRTARVSSHCAATGAPVSLTVSPSEIQAVEPAGMAVSLVLPQEAADVRQSFCC
HVHFFASVPTAEDWASKHQGLEGLAIVSVHEAFGLGQEFNRHLLQTMSSRTP
;
_entity_poly.pdbx_strand_id   A,B
#
# COMPACT_ATOMS: atom_id res chain seq x y z
N MET A 1 3.70 -28.21 -2.42
CA MET A 1 2.24 -28.56 -2.39
C MET A 1 1.62 -28.58 -3.82
N LYS A 2 0.29 -28.70 -3.89
CA LYS A 2 -0.47 -28.56 -5.14
C LYS A 2 -0.66 -27.08 -5.47
N LEU A 3 0.03 -26.55 -6.47
CA LEU A 3 -0.08 -25.13 -6.75
C LEU A 3 -0.92 -24.78 -7.96
N ALA A 4 -1.38 -25.79 -8.69
CA ALA A 4 -2.26 -25.57 -9.85
C ALA A 4 -3.41 -24.58 -9.57
N PRO A 5 -4.10 -24.72 -8.41
CA PRO A 5 -5.21 -23.80 -8.16
C PRO A 5 -4.77 -22.35 -8.12
N TYR A 6 -3.54 -22.07 -7.66
CA TYR A 6 -3.06 -20.70 -7.57
C TYR A 6 -2.70 -20.13 -8.96
N ILE A 7 -2.04 -20.94 -9.76
CA ILE A 7 -1.60 -20.53 -11.10
C ILE A 7 -2.83 -20.27 -11.96
N LEU A 8 -3.77 -21.21 -11.89
CA LEU A 8 -4.98 -21.14 -12.66
C LEU A 8 -5.78 -19.88 -12.37
N GLU A 9 -5.99 -19.56 -11.10
CA GLU A 9 -6.73 -18.34 -10.76
C GLU A 9 -5.94 -17.08 -11.06
N LEU A 10 -4.61 -17.12 -10.91
CA LEU A 10 -3.85 -15.92 -11.30
C LEU A 10 -3.89 -15.69 -12.81
N LEU A 11 -3.71 -16.75 -13.60
CA LEU A 11 -3.84 -16.63 -15.05
C LEU A 11 -5.23 -16.13 -15.43
N THR A 12 -6.26 -16.66 -14.80
CA THR A 12 -7.62 -16.21 -15.09
C THR A 12 -7.83 -14.73 -14.76
N SER A 13 -7.40 -14.28 -13.58
CA SER A 13 -7.61 -12.88 -13.21
C SER A 13 -6.92 -11.96 -14.23
N VAL A 14 -5.76 -12.39 -14.70
CA VAL A 14 -5.01 -11.66 -15.70
C VAL A 14 -5.70 -11.66 -17.05
N ASN A 15 -6.13 -12.83 -17.48
CA ASN A 15 -6.82 -12.93 -18.76
C ASN A 15 -8.25 -12.44 -18.70
N ARG A 16 -8.72 -12.09 -17.51
CA ARG A 16 -10.04 -11.49 -17.38
C ARG A 16 -10.13 -10.14 -18.11
N THR A 17 -9.02 -9.39 -18.11
CA THR A 17 -8.90 -8.13 -18.86
C THR A 17 -8.06 -8.34 -20.10
N ASN A 18 -8.70 -8.36 -21.26
CA ASN A 18 -8.00 -8.64 -22.52
C ASN A 18 -6.90 -7.60 -22.75
N GLY A 19 -5.73 -8.06 -23.18
CA GLY A 19 -4.62 -7.16 -23.48
C GLY A 19 -3.63 -7.01 -22.34
N THR A 20 -4.04 -7.35 -21.12
CA THR A 20 -3.19 -7.18 -19.96
C THR A 20 -1.86 -7.84 -20.18
N ALA A 21 -1.87 -9.07 -20.61
CA ALA A 21 -0.64 -9.81 -20.78
C ALA A 21 0.22 -9.12 -21.81
N ASP A 22 -0.41 -8.60 -22.86
CA ASP A 22 0.32 -7.89 -23.91
C ASP A 22 0.90 -6.53 -23.45
N LEU A 23 0.21 -5.85 -22.55
CA LEU A 23 0.70 -4.56 -22.10
C LEU A 23 1.80 -4.76 -21.05
N LEU A 24 1.74 -5.87 -20.31
CA LEU A 24 2.57 -6.05 -19.13
C LEU A 24 4.05 -6.02 -19.44
N VAL A 25 4.51 -6.81 -20.40
CA VAL A 25 5.94 -6.94 -20.54
C VAL A 25 6.53 -5.64 -21.00
N PRO A 26 5.96 -5.03 -22.06
CA PRO A 26 6.52 -3.76 -22.55
C PRO A 26 6.49 -2.68 -21.47
N LEU A 27 5.43 -2.59 -20.67
CA LEU A 27 5.44 -1.65 -19.55
C LEU A 27 6.46 -2.02 -18.45
N LEU A 28 6.63 -3.29 -18.10
CA LEU A 28 7.64 -3.58 -17.05
C LEU A 28 9.03 -3.17 -17.54
N ARG A 29 9.34 -3.43 -18.80
CA ARG A 29 10.65 -3.07 -19.37
C ARG A 29 10.90 -1.57 -19.36
N GLU A 30 9.84 -0.76 -19.54
CA GLU A 30 9.96 0.69 -19.51
C GLU A 30 10.16 1.15 -18.09
N LEU A 31 9.32 0.67 -17.18
CA LEU A 31 9.44 1.05 -15.78
C LEU A 31 10.77 0.62 -15.19
N ALA A 32 11.31 -0.47 -15.69
CA ALA A 32 12.62 -0.96 -15.25
C ALA A 32 13.74 0.05 -15.58
N LYS A 33 13.47 1.00 -16.48
CA LYS A 33 14.50 2.01 -16.78
C LYS A 33 14.67 3.04 -15.67
N GLY A 34 13.69 3.13 -14.79
CA GLY A 34 13.74 3.98 -13.62
C GLY A 34 12.99 5.30 -13.72
N ARG A 35 12.34 5.55 -14.86
CA ARG A 35 11.64 6.83 -15.14
C ARG A 35 10.13 6.66 -15.34
N PRO A 36 9.32 7.69 -15.00
CA PRO A 36 7.87 7.56 -15.23
C PRO A 36 7.58 7.23 -16.69
N VAL A 37 6.54 6.45 -16.96
CA VAL A 37 6.21 6.04 -18.30
C VAL A 37 4.96 6.71 -18.82
N SER A 38 5.08 7.46 -19.89
CA SER A 38 3.94 8.10 -20.51
C SER A 38 2.95 7.12 -21.12
N ARG A 39 1.66 7.35 -20.96
CA ARG A 39 0.70 6.41 -21.51
C ARG A 39 0.67 6.49 -23.03
N THR A 40 0.98 7.66 -23.54
CA THR A 40 1.06 7.88 -24.97
C THR A 40 2.28 7.13 -25.48
N THR A 41 3.36 7.18 -24.73
CA THR A 41 4.54 6.40 -25.09
C THR A 41 4.20 4.92 -25.08
N LEU A 42 3.43 4.49 -24.08
CA LEU A 42 3.09 3.09 -24.01
C LEU A 42 2.24 2.67 -25.22
N ALA A 43 1.31 3.54 -25.62
CA ALA A 43 0.43 3.22 -26.76
C ALA A 43 1.22 3.09 -28.07
N GLY A 44 2.20 3.95 -28.30
CA GLY A 44 3.07 3.77 -29.44
C GLY A 44 3.83 2.44 -29.39
N ILE A 45 4.30 2.06 -28.22
CA ILE A 45 5.13 0.85 -28.13
C ILE A 45 4.31 -0.40 -28.44
N LEU A 46 3.04 -0.40 -28.04
CA LEU A 46 2.14 -1.51 -28.29
C LEU A 46 1.47 -1.39 -29.67
N ASP A 47 1.68 -0.25 -30.31
CA ASP A 47 0.92 0.12 -31.49
C ASP A 47 -0.56 -0.12 -31.23
N TRP A 48 -1.02 0.51 -30.15
CA TRP A 48 -2.45 0.50 -29.78
C TRP A 48 -2.98 1.90 -29.77
N PRO A 49 -4.31 2.06 -30.04
CA PRO A 49 -5.02 3.31 -29.75
C PRO A 49 -5.02 3.63 -28.26
N ALA A 50 -4.96 4.90 -27.91
CA ALA A 50 -4.87 5.31 -26.51
C ALA A 50 -5.98 4.72 -25.62
N GLU A 51 -7.17 4.58 -26.21
CA GLU A 51 -8.33 4.00 -25.56
C GLU A 51 -8.08 2.57 -24.99
N ARG A 52 -7.42 1.71 -25.76
CA ARG A 52 -7.17 0.35 -25.29
C ARG A 52 -6.17 0.31 -24.13
N VAL A 53 -5.10 1.11 -24.18
CA VAL A 53 -4.16 1.20 -23.06
C VAL A 53 -4.88 1.65 -21.81
N ALA A 54 -5.74 2.64 -21.96
CA ALA A 54 -6.53 3.18 -20.87
C ALA A 54 -7.44 2.14 -20.20
N ALA A 55 -8.16 1.37 -21.01
CA ALA A 55 -9.10 0.35 -20.50
C ALA A 55 -8.38 -0.75 -19.69
N VAL A 56 -7.23 -1.19 -20.19
CA VAL A 56 -6.42 -2.16 -19.50
C VAL A 56 -5.97 -1.60 -18.18
N LEU A 57 -5.51 -0.35 -18.17
CA LEU A 57 -4.93 0.18 -16.94
C LEU A 57 -5.99 0.49 -15.89
N GLU A 58 -7.20 0.88 -16.31
CA GLU A 58 -8.24 1.23 -15.32
C GLU A 58 -8.80 -0.03 -14.62
N GLN A 59 -8.48 -1.21 -15.14
CA GLN A 59 -8.78 -2.47 -14.45
C GLN A 59 -7.83 -2.67 -13.30
N ALA A 60 -6.57 -2.28 -13.49
CA ALA A 60 -5.62 -2.37 -12.40
C ALA A 60 -5.69 -1.05 -11.65
N THR A 61 -6.67 -0.96 -10.75
CA THR A 61 -6.98 0.26 -10.02
C THR A 61 -5.85 0.61 -9.06
N SER A 62 -4.92 -0.34 -8.89
CA SER A 62 -3.75 -0.12 -8.05
C SER A 62 -2.68 0.66 -8.82
N THR A 63 -2.84 0.77 -10.14
CA THR A 63 -1.86 1.47 -10.99
C THR A 63 -1.50 2.86 -10.39
N GLU A 64 -0.22 3.13 -10.28
CA GLU A 64 0.26 4.37 -9.71
C GLU A 64 0.64 5.36 -10.83
N TYR A 65 0.18 6.59 -10.67
CA TYR A 65 0.61 7.70 -11.51
C TYR A 65 1.30 8.80 -10.73
N ASP A 66 2.17 9.59 -11.37
CA ASP A 66 2.74 10.72 -10.72
C ASP A 66 1.94 11.98 -11.02
N LYS A 67 2.57 13.10 -10.72
CA LYS A 67 1.91 14.36 -10.65
C LYS A 67 1.70 14.86 -12.10
N ASP A 68 2.40 14.24 -13.05
CA ASP A 68 2.26 14.59 -14.47
C ASP A 68 1.29 13.63 -15.16
N GLY A 69 0.77 12.66 -14.40
CA GLY A 69 -0.11 11.66 -14.96
C GLY A 69 0.63 10.55 -15.66
N ASN A 70 1.96 10.51 -15.51
CA ASN A 70 2.75 9.38 -16.02
C ASN A 70 2.69 8.16 -15.10
N ILE A 71 2.79 6.95 -15.68
CA ILE A 71 2.73 5.70 -14.94
C ILE A 71 4.01 5.56 -14.16
N ILE A 72 3.90 5.31 -12.85
CA ILE A 72 5.09 5.07 -12.02
C ILE A 72 4.98 3.74 -11.30
N GLY A 73 3.83 3.08 -11.37
CA GLY A 73 3.80 1.74 -10.80
C GLY A 73 2.75 0.83 -11.41
N TYR A 74 3.19 -0.37 -11.78
CA TYR A 74 2.34 -1.45 -12.28
C TYR A 74 3.04 -2.76 -12.02
N GLY A 75 2.88 -3.31 -10.81
CA GLY A 75 3.62 -4.50 -10.41
C GLY A 75 4.98 -4.04 -9.90
N LEU A 76 5.80 -3.56 -10.82
CA LEU A 76 7.05 -2.87 -10.54
C LEU A 76 6.72 -1.39 -10.32
N THR A 77 7.37 -0.71 -9.40
CA THR A 77 6.99 0.66 -9.15
C THR A 77 8.18 1.50 -8.75
N LEU A 78 8.10 2.80 -9.00
CA LEU A 78 9.10 3.78 -8.60
C LEU A 78 8.91 4.27 -7.19
N ARG A 79 7.75 4.00 -6.60
CA ARG A 79 7.45 4.48 -5.25
C ARG A 79 7.76 3.39 -4.22
N GLU A 80 8.52 3.74 -3.20
CA GLU A 80 8.90 2.84 -2.13
C GLU A 80 7.79 1.93 -1.63
N THR A 81 8.09 0.64 -1.57
CA THR A 81 7.27 -0.36 -0.89
C THR A 81 8.22 -1.21 -0.05
N SER A 82 7.72 -2.19 0.69
CA SER A 82 8.61 -3.03 1.47
C SER A 82 9.35 -4.11 0.64
N TYR A 83 9.15 -4.13 -0.68
CA TYR A 83 9.94 -5.03 -1.55
C TYR A 83 10.82 -4.27 -2.55
N VAL A 84 12.12 -4.32 -2.26
CA VAL A 84 13.15 -3.61 -3.02
C VAL A 84 13.63 -4.51 -4.10
N PHE A 85 13.73 -3.95 -5.29
CA PHE A 85 13.99 -4.66 -6.53
C PHE A 85 15.05 -3.87 -7.25
N GLU A 86 16.32 -4.24 -7.07
CA GLU A 86 17.41 -3.44 -7.62
C GLU A 86 17.96 -4.08 -8.87
N ILE A 87 17.90 -3.33 -9.97
CA ILE A 87 18.50 -3.73 -11.25
C ILE A 87 19.61 -2.75 -11.64
N ASP A 88 20.78 -3.24 -12.03
CA ASP A 88 21.96 -2.38 -12.15
C ASP A 88 22.15 -1.75 -10.76
N ASP A 89 22.32 -0.43 -10.69
CA ASP A 89 22.31 0.27 -9.41
C ASP A 89 20.89 0.72 -9.10
N ARG A 90 20.03 0.69 -10.12
CA ARG A 90 18.68 1.27 -10.03
C ARG A 90 17.84 0.57 -9.02
N ARG A 91 17.38 1.36 -8.06
CA ARG A 91 16.61 0.87 -6.94
C ARG A 91 15.11 1.07 -7.16
N LEU A 92 14.47 0.02 -7.72
CA LEU A 92 13.02 -0.03 -7.90
C LEU A 92 12.34 -0.84 -6.79
N TYR A 93 11.00 -0.87 -6.81
CA TYR A 93 10.18 -1.56 -5.83
C TYR A 93 9.16 -2.44 -6.53
N ALA A 94 8.62 -3.41 -5.79
CA ALA A 94 7.55 -4.26 -6.23
C ALA A 94 6.36 -4.21 -5.27
N TRP A 95 5.17 -4.53 -5.76
CA TRP A 95 4.00 -4.57 -4.90
C TRP A 95 3.96 -5.82 -4.01
N CYS A 96 4.57 -6.92 -4.45
CA CYS A 96 4.49 -8.13 -3.66
C CYS A 96 5.72 -9.02 -3.82
N ALA A 97 5.77 -10.08 -3.02
CA ALA A 97 6.98 -10.93 -3.00
C ALA A 97 7.08 -11.74 -4.29
N LEU A 98 5.95 -12.23 -4.77
CA LEU A 98 5.99 -13.10 -5.93
C LEU A 98 6.38 -12.25 -7.14
N ASP A 99 6.01 -10.95 -7.16
CA ASP A 99 6.42 -10.07 -8.27
C ASP A 99 7.90 -10.15 -8.44
N THR A 100 8.63 -10.11 -7.31
CA THR A 100 10.08 -10.05 -7.38
C THR A 100 10.68 -11.33 -7.97
N LEU A 101 9.90 -12.39 -7.98
CA LEU A 101 10.38 -13.69 -8.46
C LEU A 101 10.05 -13.89 -9.94
N ILE A 102 8.93 -13.31 -10.38
CA ILE A 102 8.53 -13.44 -11.80
C ILE A 102 9.01 -12.35 -12.73
N PHE A 103 9.24 -11.11 -12.26
CA PHE A 103 9.65 -10.01 -13.16
C PHE A 103 11.04 -10.13 -13.81
N PRO A 104 12.02 -10.70 -13.10
CA PRO A 104 13.33 -10.84 -13.76
C PRO A 104 13.26 -11.56 -15.11
N ALA A 105 12.51 -12.65 -15.18
CA ALA A 105 12.34 -13.36 -16.44
C ALA A 105 11.58 -12.53 -17.45
N LEU A 106 10.54 -11.81 -17.03
CA LEU A 106 9.78 -11.01 -18.00
C LEU A 106 10.62 -9.86 -18.57
N ILE A 107 11.41 -9.16 -17.75
CA ILE A 107 12.23 -8.07 -18.29
C ILE A 107 13.64 -8.53 -18.70
N GLY A 108 13.95 -9.80 -18.55
CA GLY A 108 15.25 -10.34 -18.94
C GLY A 108 16.44 -9.70 -18.21
N ARG A 109 16.32 -9.48 -16.91
CA ARG A 109 17.46 -8.98 -16.15
C ARG A 109 17.52 -9.72 -14.82
N THR A 110 18.66 -9.60 -14.16
CA THR A 110 18.87 -10.11 -12.82
C THR A 110 18.66 -9.02 -11.78
N ALA A 111 17.90 -9.34 -10.74
CA ALA A 111 17.55 -8.37 -9.69
C ALA A 111 18.10 -8.79 -8.36
N ARG A 112 18.58 -7.80 -7.60
CA ARG A 112 18.90 -8.01 -6.22
C ARG A 112 17.71 -7.55 -5.39
N VAL A 113 17.05 -8.53 -4.78
CA VAL A 113 15.81 -8.36 -4.08
C VAL A 113 16.01 -8.29 -2.57
N SER A 114 15.28 -7.40 -1.89
CA SER A 114 15.37 -7.34 -0.42
C SER A 114 14.08 -6.88 0.21
N SER A 115 13.83 -7.36 1.41
CA SER A 115 12.62 -7.03 2.16
C SER A 115 12.85 -7.36 3.63
N HIS A 116 11.76 -7.44 4.36
CA HIS A 116 11.77 -7.86 5.76
C HIS A 116 10.72 -8.93 5.98
N CYS A 117 11.06 -9.93 6.79
CA CYS A 117 10.10 -10.96 7.18
C CYS A 117 8.83 -10.31 7.70
N ALA A 118 7.70 -10.71 7.15
CA ALA A 118 6.45 -10.09 7.57
C ALA A 118 6.05 -10.56 8.98
N ALA A 119 6.71 -11.58 9.53
CA ALA A 119 6.30 -12.09 10.85
C ALA A 119 7.18 -11.53 11.95
N THR A 120 8.47 -11.34 11.65
CA THR A 120 9.48 -10.99 12.68
C THR A 120 10.33 -9.77 12.37
N GLY A 121 10.14 -9.20 11.19
CA GLY A 121 10.89 -8.02 10.77
C GLY A 121 12.32 -8.27 10.34
N ALA A 122 12.74 -9.51 10.37
CA ALA A 122 14.09 -9.86 9.99
C ALA A 122 14.38 -9.53 8.53
N PRO A 123 15.59 -9.06 8.24
CA PRO A 123 15.97 -8.78 6.86
C PRO A 123 16.05 -10.06 6.04
N VAL A 124 15.54 -10.01 4.82
CA VAL A 124 15.67 -11.11 3.87
C VAL A 124 16.24 -10.58 2.57
N SER A 125 17.05 -11.39 1.90
CA SER A 125 17.51 -11.01 0.56
C SER A 125 17.88 -12.21 -0.33
N LEU A 126 17.80 -11.95 -1.63
CA LEU A 126 18.13 -12.95 -2.62
C LEU A 126 18.35 -12.29 -3.96
N THR A 127 19.06 -13.00 -4.82
CA THR A 127 19.31 -12.59 -6.19
C THR A 127 18.42 -13.44 -7.04
N VAL A 128 17.66 -12.79 -7.90
CA VAL A 128 16.73 -13.47 -8.76
C VAL A 128 17.08 -13.16 -10.22
N SER A 129 17.46 -14.21 -10.93
CA SER A 129 17.79 -14.14 -12.35
CA SER A 129 17.76 -14.10 -12.36
C SER A 129 16.60 -14.62 -13.17
N PRO A 130 16.72 -14.61 -14.50
CA PRO A 130 15.60 -15.13 -15.27
C PRO A 130 15.37 -16.62 -15.13
N SER A 131 16.40 -17.35 -14.69
CA SER A 131 16.35 -18.80 -14.65
C SER A 131 16.55 -19.43 -13.27
N GLU A 132 17.03 -18.65 -12.31
CA GLU A 132 17.32 -19.19 -10.98
C GLU A 132 17.41 -18.10 -9.91
N ILE A 133 17.30 -18.55 -8.65
CA ILE A 133 17.62 -17.70 -7.51
C ILE A 133 18.94 -18.16 -6.89
N GLN A 134 19.64 -17.22 -6.25
CA GLN A 134 20.97 -17.44 -5.66
C GLN A 134 21.04 -16.53 -4.47
N ALA A 135 22.07 -16.72 -3.64
CA ALA A 135 22.33 -15.89 -2.45
C ALA A 135 21.10 -15.71 -1.59
N VAL A 136 20.34 -16.78 -1.40
CA VAL A 136 19.13 -16.75 -0.54
C VAL A 136 19.53 -16.62 0.91
N GLU A 137 19.22 -15.48 1.52
CA GLU A 137 19.61 -15.15 2.90
C GLU A 137 18.42 -14.65 3.73
N PRO A 138 17.99 -15.44 4.74
CA PRO A 138 18.56 -16.74 5.17
C PRO A 138 18.08 -17.83 4.24
N ALA A 139 18.73 -18.98 4.26
CA ALA A 139 18.46 -20.00 3.26
C ALA A 139 17.06 -20.55 3.31
N GLY A 140 16.40 -20.49 4.47
CA GLY A 140 15.07 -21.09 4.64
C GLY A 140 13.91 -20.17 4.26
N MET A 141 14.21 -19.06 3.61
CA MET A 141 13.19 -18.05 3.25
C MET A 141 11.92 -18.65 2.67
N ALA A 142 10.78 -18.11 3.09
CA ALA A 142 9.47 -18.59 2.70
C ALA A 142 8.64 -17.44 2.13
N VAL A 143 7.49 -17.80 1.58
CA VAL A 143 6.54 -16.89 0.93
C VAL A 143 5.15 -17.36 1.28
N SER A 144 4.24 -16.44 1.57
CA SER A 144 2.82 -16.74 1.75
C SER A 144 2.05 -16.64 0.46
N LEU A 145 1.04 -17.49 0.30
CA LEU A 145 0.13 -17.49 -0.86
C LEU A 145 -1.29 -17.50 -0.36
N VAL A 146 -2.21 -16.92 -1.13
CA VAL A 146 -3.64 -17.12 -0.90
C VAL A 146 -4.24 -17.39 -2.25
N LEU A 147 -5.45 -17.93 -2.26
CA LEU A 147 -6.11 -18.15 -3.53
C LEU A 147 -6.53 -16.80 -4.12
N PRO A 148 -6.01 -16.46 -5.30
CA PRO A 148 -6.44 -15.25 -6.01
C PRO A 148 -7.93 -15.23 -6.20
N GLN A 149 -8.56 -14.09 -6.00
CA GLN A 149 -10.00 -14.04 -6.10
C GLN A 149 -10.40 -13.51 -7.47
N GLU A 150 -11.51 -14.04 -7.97
CA GLU A 150 -12.03 -13.65 -9.27
C GLU A 150 -12.85 -12.37 -9.14
N ALA A 151 -12.80 -11.54 -10.18
CA ALA A 151 -13.50 -10.26 -10.20
C ALA A 151 -13.00 -9.39 -9.04
N ALA A 152 -11.73 -9.08 -9.09
CA ALA A 152 -11.10 -8.16 -8.14
C ALA A 152 -9.69 -7.83 -8.62
N ASP A 153 -9.32 -6.56 -8.52
CA ASP A 153 -7.96 -6.08 -8.87
C ASP A 153 -6.90 -6.98 -8.21
N VAL A 154 -5.87 -7.35 -8.96
CA VAL A 154 -4.97 -8.42 -8.51
C VAL A 154 -4.23 -8.10 -7.19
N ARG A 155 -3.66 -6.89 -7.08
CA ARG A 155 -2.95 -6.51 -5.86
C ARG A 155 -3.88 -6.66 -4.68
N GLN A 156 -5.12 -6.19 -4.83
CA GLN A 156 -6.03 -6.15 -3.70
C GLN A 156 -6.65 -7.51 -3.38
N SER A 157 -6.81 -8.38 -4.36
CA SER A 157 -7.39 -9.70 -4.08
C SER A 157 -6.32 -10.66 -3.57
N PHE A 158 -5.24 -10.77 -4.34
CA PHE A 158 -4.21 -11.79 -4.12
C PHE A 158 -3.01 -11.23 -3.41
N CYS A 159 -2.16 -10.49 -4.10
CA CYS A 159 -0.82 -10.40 -3.59
C CYS A 159 -0.60 -9.39 -2.45
N CYS A 160 -1.67 -8.80 -1.91
CA CYS A 160 -1.51 -8.02 -0.67
C CYS A 160 -1.24 -8.97 0.51
N HIS A 161 -1.38 -10.27 0.26
CA HIS A 161 -1.13 -11.30 1.27
C HIS A 161 0.05 -12.18 0.94
N VAL A 162 0.87 -11.71 0.01
CA VAL A 162 1.96 -12.47 -0.53
C VAL A 162 3.24 -11.77 -0.09
N HIS A 163 3.83 -12.28 0.98
CA HIS A 163 4.96 -11.67 1.67
C HIS A 163 6.12 -12.63 1.72
N PHE A 164 7.29 -12.12 2.07
CA PHE A 164 8.44 -12.91 2.41
C PHE A 164 8.49 -13.13 3.93
N PHE A 165 9.10 -14.25 4.31
CA PHE A 165 9.25 -14.64 5.70
C PHE A 165 10.66 -15.24 5.89
N ALA A 166 11.18 -15.16 7.11
CA ALA A 166 12.55 -15.60 7.38
C ALA A 166 12.68 -17.10 7.20
N SER A 167 11.59 -17.82 7.46
CA SER A 167 11.60 -19.27 7.38
C SER A 167 10.19 -19.80 7.31
N VAL A 168 10.12 -21.06 6.92
CA VAL A 168 8.86 -21.74 6.80
C VAL A 168 8.18 -21.89 8.17
N PRO A 169 8.91 -22.27 9.24
CA PRO A 169 8.25 -22.38 10.55
C PRO A 169 7.70 -21.06 11.05
N THR A 170 8.52 -20.02 10.98
CA THR A 170 8.12 -18.68 11.32
C THR A 170 6.84 -18.30 10.54
N ALA A 171 6.83 -18.56 9.23
CA ALA A 171 5.67 -18.27 8.38
C ALA A 171 4.45 -19.11 8.76
N GLU A 172 4.63 -20.40 9.00
CA GLU A 172 3.51 -21.23 9.45
C GLU A 172 2.88 -20.74 10.74
N ASP A 173 3.68 -20.33 11.72
CA ASP A 173 3.13 -19.74 12.94
C ASP A 173 2.31 -18.45 12.62
N TRP A 174 2.85 -17.55 11.80
CA TRP A 174 2.13 -16.35 11.36
C TRP A 174 0.79 -16.74 10.72
N ALA A 175 0.84 -17.74 9.85
CA ALA A 175 -0.32 -18.19 9.13
C ALA A 175 -1.39 -18.77 10.02
N SER A 176 -1.02 -19.53 11.05
CA SER A 176 -2.03 -20.09 11.94
C SER A 176 -2.79 -19.00 12.63
N LYS A 177 -2.16 -17.85 12.87
CA LYS A 177 -2.86 -16.73 13.54
C LYS A 177 -3.97 -16.09 12.69
N HIS A 178 -3.88 -16.28 11.38
CA HIS A 178 -4.85 -15.83 10.39
C HIS A 178 -5.66 -17.04 9.93
N GLN A 179 -6.98 -16.97 9.80
CA GLN A 179 -7.69 -18.15 9.25
C GLN A 179 -8.94 -17.74 8.46
N GLY A 180 -8.93 -16.50 7.99
CA GLY A 180 -9.99 -15.98 7.15
C GLY A 180 -9.51 -15.55 5.77
N LEU A 181 -8.48 -16.23 5.28
CA LEU A 181 -7.93 -15.98 3.94
C LEU A 181 -7.99 -17.29 3.15
N GLU A 182 -8.74 -17.30 2.05
CA GLU A 182 -8.98 -18.55 1.35
C GLU A 182 -7.69 -19.07 0.76
N GLY A 183 -7.42 -20.34 1.01
CA GLY A 183 -6.24 -20.98 0.45
C GLY A 183 -4.91 -20.50 1.01
N LEU A 184 -4.94 -19.81 2.14
CA LEU A 184 -3.70 -19.38 2.79
C LEU A 184 -2.74 -20.57 2.93
N ALA A 185 -1.52 -20.40 2.45
CA ALA A 185 -0.53 -21.46 2.51
C ALA A 185 0.86 -20.86 2.46
N ILE A 186 1.79 -21.61 3.03
CA ILE A 186 3.19 -21.23 3.10
C ILE A 186 4.06 -22.14 2.24
N VAL A 187 4.97 -21.57 1.46
CA VAL A 187 5.94 -22.34 0.67
C VAL A 187 7.34 -21.75 0.80
N SER A 188 8.35 -22.55 0.52
CA SER A 188 9.72 -22.05 0.46
C SER A 188 9.83 -21.05 -0.69
N VAL A 189 10.79 -20.16 -0.62
CA VAL A 189 10.98 -19.25 -1.74
C VAL A 189 11.31 -20.04 -3.02
N HIS A 190 11.91 -21.23 -2.89
CA HIS A 190 12.17 -22.08 -4.06
C HIS A 190 10.90 -22.55 -4.73
N GLU A 191 9.91 -22.94 -3.94
CA GLU A 191 8.63 -23.35 -4.50
C GLU A 191 7.89 -22.16 -5.10
N ALA A 192 8.02 -21.01 -4.47
CA ALA A 192 7.43 -19.77 -4.95
C ALA A 192 8.01 -19.42 -6.31
N PHE A 193 9.32 -19.57 -6.43
CA PHE A 193 10.00 -19.28 -7.68
C PHE A 193 9.50 -20.22 -8.79
N GLY A 194 9.28 -21.49 -8.47
CA GLY A 194 8.73 -22.46 -9.41
C GLY A 194 7.32 -22.14 -9.86
N LEU A 195 6.47 -21.66 -8.93
CA LEU A 195 5.13 -21.19 -9.31
C LEU A 195 5.23 -20.01 -10.29
N GLY A 196 6.12 -19.10 -9.97
CA GLY A 196 6.36 -17.98 -10.84
C GLY A 196 6.76 -18.45 -12.22
N GLN A 197 7.59 -19.49 -12.28
CA GLN A 197 8.04 -20.00 -13.57
C GLN A 197 6.90 -20.58 -14.38
N GLU A 198 6.01 -21.29 -13.71
CA GLU A 198 4.84 -21.87 -14.41
C GLU A 198 3.82 -20.81 -14.84
N PHE A 199 3.59 -19.84 -13.96
CA PHE A 199 2.75 -18.72 -14.30
C PHE A 199 3.29 -18.03 -15.57
N ASN A 200 4.57 -17.65 -15.54
CA ASN A 200 5.17 -16.98 -16.70
C ASN A 200 5.02 -17.78 -18.00
N ARG A 201 5.15 -19.09 -17.90
CA ARG A 201 5.04 -19.99 -19.05
C ARG A 201 3.67 -19.82 -19.73
N HIS A 202 2.62 -19.94 -18.94
CA HIS A 202 1.27 -19.79 -19.45
C HIS A 202 1.02 -18.39 -19.88
N LEU A 203 1.57 -17.44 -19.13
CA LEU A 203 1.42 -16.05 -19.45
C LEU A 203 1.92 -15.75 -20.85
N LEU A 204 3.11 -16.22 -21.17
CA LEU A 204 3.73 -15.90 -22.46
C LEU A 204 2.91 -16.52 -23.60
N GLN A 205 2.44 -17.75 -23.40
CA GLN A 205 1.64 -18.41 -24.43
C GLN A 205 0.42 -17.59 -24.76
N THR A 206 -0.04 -16.81 -23.79
CA THR A 206 -1.26 -16.00 -23.89
C THR A 206 -1.07 -14.71 -24.69
N MET A 207 0.17 -14.35 -25.01
CA MET A 207 0.43 -13.13 -25.77
C MET A 207 0.27 -13.35 -27.27
N SER A 208 0.06 -12.25 -27.98
CA SER A 208 -0.34 -12.29 -29.39
C SER A 208 0.68 -11.71 -30.36
N MET B 1 -0.03 5.35 29.36
CA MET B 1 0.67 5.66 28.08
C MET B 1 0.56 7.16 27.76
N LYS B 2 1.63 7.91 28.03
CA LYS B 2 1.71 9.34 27.70
C LYS B 2 2.14 9.51 26.23
N LEU B 3 1.35 10.28 25.49
CA LEU B 3 1.36 10.23 24.04
C LEU B 3 1.87 11.54 23.39
N ALA B 4 2.35 12.47 24.20
CA ALA B 4 2.98 13.67 23.69
C ALA B 4 4.06 13.36 22.64
N PRO B 5 4.82 12.28 22.86
CA PRO B 5 5.85 12.08 21.84
C PRO B 5 5.31 11.74 20.46
N TYR B 6 4.20 11.03 20.42
CA TYR B 6 3.60 10.61 19.14
C TYR B 6 2.94 11.81 18.46
N ILE B 7 2.20 12.60 19.23
CA ILE B 7 1.69 13.87 18.73
C ILE B 7 2.81 14.69 18.12
N LEU B 8 3.86 14.94 18.89
CA LEU B 8 4.97 15.77 18.45
C LEU B 8 5.65 15.32 17.13
N GLU B 9 5.97 14.04 16.94
CA GLU B 9 6.60 13.62 15.69
C GLU B 9 5.60 13.72 14.52
N LEU B 10 4.33 13.42 14.77
CA LEU B 10 3.30 13.64 13.76
C LEU B 10 3.21 15.10 13.29
N LEU B 11 2.91 16.03 14.19
CA LEU B 11 2.90 17.45 13.86
C LEU B 11 4.16 17.97 13.17
N THR B 12 5.32 17.43 13.54
CA THR B 12 6.59 17.78 12.92
C THR B 12 6.63 17.32 11.47
N SER B 13 5.99 16.20 11.19
CA SER B 13 5.87 15.72 9.83
C SER B 13 4.71 16.38 9.05
N VAL B 14 4.21 17.52 9.54
CA VAL B 14 3.29 18.34 8.75
C VAL B 14 3.56 19.83 8.88
N ASN B 15 4.23 20.24 9.96
CA ASN B 15 4.75 21.60 10.07
C ASN B 15 5.97 21.79 9.16
N ARG B 16 6.60 20.66 8.80
CA ARG B 16 7.88 20.65 8.07
C ARG B 16 7.91 21.60 6.86
N THR B 17 6.88 21.53 6.04
CA THR B 17 6.67 22.53 4.99
C THR B 17 5.37 23.30 5.23
N ASN B 18 5.54 24.60 5.50
CA ASN B 18 4.44 25.52 5.72
C ASN B 18 3.39 25.39 4.63
N GLY B 19 2.18 25.76 4.97
CA GLY B 19 1.08 25.56 4.07
C GLY B 19 0.44 24.18 4.13
N THR B 20 1.18 23.15 4.56
CA THR B 20 0.64 21.78 4.59
C THR B 20 -0.65 21.70 5.39
N ALA B 21 -0.61 22.24 6.61
CA ALA B 21 -1.79 22.28 7.44
C ALA B 21 -2.89 23.04 6.70
N ASP B 22 -2.53 24.18 6.12
CA ASP B 22 -3.52 25.06 5.51
C ASP B 22 -4.13 24.40 4.27
N LEU B 23 -3.33 23.61 3.57
CA LEU B 23 -3.82 22.87 2.42
C LEU B 23 -4.55 21.57 2.81
N LEU B 24 -4.13 20.94 3.91
CA LEU B 24 -4.66 19.62 4.31
C LEU B 24 -6.16 19.52 4.41
N VAL B 25 -6.75 20.36 5.24
CA VAL B 25 -8.19 20.28 5.49
C VAL B 25 -9.00 20.50 4.24
N PRO B 26 -8.75 21.58 3.48
CA PRO B 26 -9.53 21.71 2.25
C PRO B 26 -9.34 20.52 1.32
N LEU B 27 -8.14 19.96 1.23
CA LEU B 27 -7.95 18.83 0.34
C LEU B 27 -8.78 17.64 0.85
N LEU B 28 -8.70 17.36 2.15
CA LEU B 28 -9.51 16.28 2.72
C LEU B 28 -10.98 16.49 2.42
N ARG B 29 -11.47 17.69 2.69
CA ARG B 29 -12.88 17.96 2.43
C ARG B 29 -13.26 17.71 0.96
N GLU B 30 -12.39 18.09 0.03
CA GLU B 30 -12.71 17.85 -1.36
C GLU B 30 -12.64 16.35 -1.68
N LEU B 31 -11.55 15.70 -1.29
CA LEU B 31 -11.42 14.25 -1.52
C LEU B 31 -12.60 13.48 -0.94
N ALA B 32 -13.10 13.97 0.18
CA ALA B 32 -14.29 13.45 0.83
C ALA B 32 -15.50 13.45 -0.11
N LYS B 33 -15.42 14.20 -1.20
CA LYS B 33 -16.50 14.24 -2.19
C LYS B 33 -16.44 13.03 -3.09
N GLY B 34 -15.34 12.28 -3.01
CA GLY B 34 -15.27 11.02 -3.72
C GLY B 34 -14.79 11.11 -5.16
N ARG B 35 -14.23 12.26 -5.53
CA ARG B 35 -13.78 12.49 -6.89
C ARG B 35 -12.38 13.09 -6.88
N PRO B 36 -11.60 12.84 -7.93
CA PRO B 36 -10.26 13.44 -7.95
C PRO B 36 -10.30 14.96 -7.82
N VAL B 37 -9.20 15.54 -7.34
CA VAL B 37 -9.14 16.97 -7.03
C VAL B 37 -8.01 17.58 -7.83
N SER B 38 -8.33 18.58 -8.64
CA SER B 38 -7.29 19.25 -9.40
C SER B 38 -6.57 20.26 -8.54
N ARG B 39 -5.34 20.54 -8.90
CA ARG B 39 -4.63 21.64 -8.31
C ARG B 39 -5.28 23.00 -8.49
N THR B 40 -6.00 23.21 -9.60
CA THR B 40 -6.64 24.50 -9.86
C THR B 40 -7.83 24.68 -8.94
N THR B 41 -8.61 23.63 -8.73
CA THR B 41 -9.72 23.68 -7.76
C THR B 41 -9.22 24.07 -6.37
N LEU B 42 -8.08 23.51 -6.03
CA LEU B 42 -7.50 23.64 -4.71
C LEU B 42 -6.89 25.04 -4.56
N ALA B 43 -6.17 25.49 -5.57
CA ALA B 43 -5.78 26.88 -5.69
C ALA B 43 -7.00 27.80 -5.48
N GLY B 44 -8.07 27.56 -6.23
CA GLY B 44 -9.29 28.34 -6.10
C GLY B 44 -9.79 28.38 -4.66
N ILE B 45 -9.85 27.21 -4.01
CA ILE B 45 -10.31 27.17 -2.61
C ILE B 45 -9.39 27.93 -1.63
N LEU B 46 -8.09 27.74 -1.77
CA LEU B 46 -7.12 28.35 -0.86
C LEU B 46 -6.77 29.80 -1.16
N ASP B 47 -7.20 30.27 -2.33
CA ASP B 47 -6.76 31.56 -2.83
C ASP B 47 -5.24 31.62 -2.91
N TRP B 48 -4.62 30.55 -3.41
CA TRP B 48 -3.18 30.49 -3.60
C TRP B 48 -2.76 30.53 -5.07
N PRO B 49 -1.53 30.99 -5.33
CA PRO B 49 -0.95 30.81 -6.66
C PRO B 49 -0.72 29.34 -6.92
N ALA B 50 -0.97 28.96 -8.16
CA ALA B 50 -0.77 27.61 -8.64
C ALA B 50 0.55 27.06 -8.13
N GLU B 51 1.55 27.92 -8.14
CA GLU B 51 2.92 27.57 -7.79
C GLU B 51 3.07 27.12 -6.31
N ARG B 52 2.31 27.75 -5.42
CA ARG B 52 2.42 27.44 -3.99
C ARG B 52 1.62 26.17 -3.63
N VAL B 53 0.52 25.91 -4.34
CA VAL B 53 -0.18 24.63 -4.19
C VAL B 53 0.72 23.48 -4.62
N ALA B 54 1.47 23.73 -5.68
CA ALA B 54 2.30 22.69 -6.31
C ALA B 54 3.50 22.37 -5.44
N ALA B 55 4.07 23.42 -4.85
CA ALA B 55 5.23 23.30 -3.99
C ALA B 55 4.90 22.48 -2.76
N VAL B 56 3.75 22.75 -2.16
CA VAL B 56 3.30 21.99 -0.97
C VAL B 56 3.16 20.53 -1.32
N LEU B 57 2.56 20.23 -2.48
CA LEU B 57 2.31 18.86 -2.85
C LEU B 57 3.60 18.07 -3.12
N GLU B 58 4.60 18.71 -3.74
CA GLU B 58 5.87 18.03 -4.03
C GLU B 58 6.57 17.46 -2.78
N GLN B 59 6.50 18.19 -1.66
CA GLN B 59 7.06 17.73 -0.38
C GLN B 59 6.25 16.54 0.18
N ALA B 60 4.95 16.52 -0.12
CA ALA B 60 4.06 15.40 0.23
C ALA B 60 4.26 14.26 -0.76
N THR B 61 5.41 13.60 -0.65
CA THR B 61 5.91 12.69 -1.68
C THR B 61 5.14 11.38 -1.79
N SER B 62 4.21 11.16 -0.88
CA SER B 62 3.35 9.98 -0.95
C SER B 62 1.95 10.28 -1.53
N THR B 63 1.69 11.54 -1.87
CA THR B 63 0.44 11.92 -2.55
C THR B 63 0.17 11.01 -3.71
N GLU B 64 -1.07 10.52 -3.80
CA GLU B 64 -1.47 9.65 -4.91
C GLU B 64 -2.19 10.48 -6.00
N TYR B 65 -1.90 10.16 -7.25
CA TYR B 65 -2.46 10.85 -8.43
C TYR B 65 -3.08 9.88 -9.42
N ASP B 66 -3.99 10.37 -10.29
CA ASP B 66 -4.52 9.57 -11.42
C ASP B 66 -3.91 9.91 -12.77
N LYS B 67 -4.49 9.37 -13.84
CA LYS B 67 -3.89 9.45 -15.16
C LYS B 67 -3.78 10.89 -15.68
N ASP B 68 -4.57 11.79 -15.13
CA ASP B 68 -4.52 13.23 -15.51
C ASP B 68 -3.66 14.10 -14.58
N GLY B 69 -3.13 13.50 -13.52
CA GLY B 69 -2.26 14.23 -12.60
C GLY B 69 -3.10 14.91 -11.54
N ASN B 70 -4.36 14.52 -11.48
CA ASN B 70 -5.20 14.96 -10.40
C ASN B 70 -4.97 14.09 -9.18
N ILE B 71 -5.24 14.67 -8.01
CA ILE B 71 -5.02 14.09 -6.72
C ILE B 71 -6.20 13.20 -6.36
N ILE B 72 -5.88 11.96 -6.03
CA ILE B 72 -6.88 11.00 -5.56
C ILE B 72 -6.55 10.48 -4.13
N GLY B 73 -5.43 10.90 -3.57
CA GLY B 73 -4.97 10.34 -2.30
C GLY B 73 -3.97 11.20 -1.51
N TYR B 74 -4.35 11.52 -0.29
CA TYR B 74 -3.54 12.30 0.63
C TYR B 74 -4.09 11.96 2.03
N GLY B 75 -3.73 10.80 2.54
CA GLY B 75 -4.27 10.35 3.82
C GLY B 75 -5.63 9.68 3.64
N LEU B 76 -6.56 10.45 3.11
CA LEU B 76 -7.83 9.98 2.61
C LEU B 76 -7.62 9.68 1.14
N THR B 77 -8.14 8.57 0.64
CA THR B 77 -7.85 8.18 -0.72
C THR B 77 -8.98 7.43 -1.42
N LEU B 78 -9.04 7.62 -2.73
CA LEU B 78 -9.97 6.90 -3.57
C LEU B 78 -9.40 5.53 -3.93
N ARG B 79 -8.10 5.32 -3.72
CA ARG B 79 -7.47 4.04 -4.06
C ARG B 79 -7.54 3.05 -2.89
N GLU B 80 -8.14 1.88 -3.15
CA GLU B 80 -8.38 0.85 -2.13
C GLU B 80 -7.19 0.58 -1.23
N THR B 81 -7.46 0.57 0.07
CA THR B 81 -6.52 0.17 1.11
C THR B 81 -7.21 -0.77 2.11
N SER B 82 -6.52 -1.11 3.18
CA SER B 82 -7.09 -2.00 4.18
C SER B 82 -8.07 -1.29 5.08
N TYR B 83 -8.17 0.03 4.95
CA TYR B 83 -8.98 0.85 5.84
C TYR B 83 -10.08 1.51 5.06
N VAL B 84 -11.28 0.98 5.25
CA VAL B 84 -12.45 1.45 4.59
C VAL B 84 -13.04 2.57 5.44
N PHE B 85 -13.31 3.69 4.77
CA PHE B 85 -13.79 4.93 5.38
C PHE B 85 -15.00 5.46 4.59
N GLU B 86 -16.19 5.14 5.08
CA GLU B 86 -17.45 5.44 4.39
C GLU B 86 -18.17 6.63 5.00
N ILE B 87 -18.21 7.75 4.30
CA ILE B 87 -18.96 8.91 4.76
C ILE B 87 -19.99 9.30 3.71
N ASP B 88 -21.20 9.62 4.15
CA ASP B 88 -22.31 9.97 3.26
C ASP B 88 -22.48 8.93 2.14
N ASP B 89 -22.50 7.65 2.52
CA ASP B 89 -22.75 6.54 1.59
C ASP B 89 -21.64 6.31 0.55
N ARG B 90 -20.68 7.21 0.46
CA ARG B 90 -19.57 7.07 -0.49
C ARG B 90 -18.49 6.18 0.11
N ARG B 91 -17.86 5.35 -0.73
CA ARG B 91 -16.85 4.42 -0.24
C ARG B 91 -15.46 4.98 -0.48
N LEU B 92 -14.80 5.40 0.60
CA LEU B 92 -13.44 5.93 0.55
C LEU B 92 -12.52 5.05 1.38
N TYR B 93 -11.22 5.37 1.34
CA TYR B 93 -10.22 4.61 2.03
C TYR B 93 -9.25 5.55 2.75
N ALA B 94 -8.47 4.97 3.66
CA ALA B 94 -7.52 5.72 4.42
C ALA B 94 -6.24 4.97 4.46
N TRP B 95 -5.18 5.70 4.71
CA TRP B 95 -3.88 5.12 4.65
C TRP B 95 -3.56 4.31 5.91
N CYS B 96 -4.10 4.67 7.08
CA CYS B 96 -3.82 3.93 8.36
C CYS B 96 -4.97 4.08 9.34
N ALA B 97 -4.90 3.30 10.42
CA ALA B 97 -5.96 3.24 11.43
C ALA B 97 -6.17 4.62 12.03
N LEU B 98 -5.07 5.29 12.36
CA LEU B 98 -5.20 6.54 13.06
C LEU B 98 -5.91 7.60 12.19
N ASP B 99 -5.64 7.62 10.90
CA ASP B 99 -6.33 8.53 9.97
C ASP B 99 -7.84 8.48 10.14
N THR B 100 -8.37 7.26 10.28
CA THR B 100 -9.81 7.08 10.33
C THR B 100 -10.41 7.73 11.60
N LEU B 101 -9.57 7.88 12.64
CA LEU B 101 -9.98 8.51 13.89
C LEU B 101 -9.92 10.04 13.85
N ILE B 102 -9.04 10.53 12.98
CA ILE B 102 -8.71 11.95 12.92
C ILE B 102 -9.56 12.71 11.90
N PHE B 103 -9.88 12.08 10.76
CA PHE B 103 -10.45 12.81 9.64
C PHE B 103 -11.88 13.31 9.85
N PRO B 104 -12.75 12.50 10.48
CA PRO B 104 -14.13 12.93 10.67
C PRO B 104 -14.25 14.32 11.28
N ALA B 105 -13.38 14.61 12.25
CA ALA B 105 -13.42 15.90 12.91
C ALA B 105 -12.93 17.01 11.98
N LEU B 106 -12.01 16.69 11.06
CA LEU B 106 -11.48 17.70 10.17
C LEU B 106 -12.49 18.00 9.07
N ILE B 107 -13.16 16.97 8.54
CA ILE B 107 -14.09 17.17 7.43
C ILE B 107 -15.53 17.37 7.93
N GLY B 108 -15.72 17.30 9.25
CA GLY B 108 -17.00 17.59 9.87
C GLY B 108 -18.08 16.55 9.68
N ARG B 109 -17.69 15.34 9.32
CA ARG B 109 -18.67 14.30 9.00
C ARG B 109 -18.43 13.03 9.79
N THR B 110 -19.42 12.13 9.78
CA THR B 110 -19.34 10.90 10.53
C THR B 110 -19.00 9.76 9.59
N ALA B 111 -17.99 8.95 9.90
CA ALA B 111 -17.60 7.86 9.01
C ALA B 111 -17.94 6.50 9.61
N ARG B 112 -18.25 5.55 8.74
CA ARG B 112 -18.27 4.16 9.12
C ARG B 112 -16.94 3.54 8.63
N VAL B 113 -16.16 3.11 9.60
CA VAL B 113 -14.83 2.59 9.36
C VAL B 113 -14.81 1.06 9.42
N SER B 114 -14.10 0.40 8.51
CA SER B 114 -13.92 -1.04 8.64
C SER B 114 -12.54 -1.46 8.17
N SER B 115 -12.05 -2.55 8.77
CA SER B 115 -10.72 -3.08 8.50
C SER B 115 -10.66 -4.54 9.01
N HIS B 116 -9.44 -5.05 9.09
CA HIS B 116 -9.12 -6.36 9.64
C HIS B 116 -7.93 -6.21 10.60
N CYS B 117 -7.96 -6.98 11.69
CA CYS B 117 -6.85 -7.09 12.66
C CYS B 117 -5.54 -7.44 11.97
N ALA B 118 -4.52 -6.62 12.16
CA ALA B 118 -3.25 -6.87 11.51
C ALA B 118 -2.57 -8.12 12.08
N ALA B 119 -3.07 -8.63 13.21
CA ALA B 119 -2.48 -9.81 13.83
C ALA B 119 -3.18 -11.12 13.42
N THR B 120 -4.51 -11.08 13.31
CA THR B 120 -5.32 -12.30 13.06
C THR B 120 -6.22 -12.29 11.84
N GLY B 121 -6.36 -11.12 11.22
CA GLY B 121 -7.26 -10.95 10.08
C GLY B 121 -8.73 -10.81 10.46
N ALA B 122 -9.04 -10.85 11.77
CA ALA B 122 -10.43 -10.75 12.21
C ALA B 122 -11.01 -9.38 11.85
N PRO B 123 -12.31 -9.31 11.48
CA PRO B 123 -12.87 -8.00 11.13
C PRO B 123 -12.93 -7.05 12.30
N VAL B 124 -12.68 -5.78 12.03
CA VAL B 124 -12.92 -4.75 13.01
C VAL B 124 -13.70 -3.64 12.33
N SER B 125 -14.55 -2.97 13.09
CA SER B 125 -15.34 -1.91 12.52
C SER B 125 -15.78 -1.01 13.63
N LEU B 126 -16.10 0.23 13.26
CA LEU B 126 -16.52 1.24 14.20
C LEU B 126 -17.02 2.41 13.41
N THR B 127 -17.79 3.27 14.09
CA THR B 127 -18.31 4.50 13.54
C THR B 127 -17.65 5.68 14.26
N VAL B 128 -17.01 6.58 13.51
CA VAL B 128 -16.31 7.73 14.09
C VAL B 128 -16.96 9.02 13.66
N SER B 129 -17.37 9.84 14.62
CA SER B 129 -17.90 11.18 14.36
C SER B 129 -16.86 12.24 14.76
N PRO B 130 -17.17 13.53 14.64
CA PRO B 130 -16.14 14.51 15.07
C PRO B 130 -15.87 14.50 16.57
N SER B 131 -16.82 13.98 17.32
CA SER B 131 -16.78 14.11 18.78
C SER B 131 -16.37 12.81 19.49
N GLU B 132 -16.73 11.65 18.94
CA GLU B 132 -16.51 10.38 19.62
C GLU B 132 -16.50 9.19 18.66
N ILE B 133 -16.08 8.03 19.18
CA ILE B 133 -16.21 6.77 18.45
C ILE B 133 -17.39 5.98 19.03
N GLN B 134 -17.98 5.13 18.21
CA GLN B 134 -19.21 4.39 18.53
C GLN B 134 -19.16 3.00 17.94
N ALA B 135 -19.97 2.09 18.48
CA ALA B 135 -20.16 0.77 17.88
C ALA B 135 -18.83 0.08 17.66
N VAL B 136 -17.93 0.25 18.63
CA VAL B 136 -16.58 -0.26 18.52
C VAL B 136 -16.61 -1.75 18.63
N GLU B 137 -16.32 -2.43 17.53
CA GLU B 137 -16.54 -3.84 17.42
C GLU B 137 -15.31 -4.56 16.85
N PRO B 138 -14.64 -5.39 17.67
CA PRO B 138 -14.95 -5.71 19.07
C PRO B 138 -14.58 -4.54 19.99
N ALA B 139 -15.17 -4.47 21.18
CA ALA B 139 -14.94 -3.37 22.11
C ALA B 139 -13.47 -3.22 22.55
N GLY B 140 -12.72 -4.31 22.54
CA GLY B 140 -11.34 -4.27 23.00
C GLY B 140 -10.32 -3.77 22.00
N MET B 141 -10.82 -3.22 20.89
CA MET B 141 -10.03 -2.90 19.73
C MET B 141 -8.85 -2.07 20.13
N ALA B 142 -7.70 -2.39 19.57
CA ALA B 142 -6.47 -1.68 19.84
C ALA B 142 -5.83 -1.15 18.58
N VAL B 143 -4.90 -0.22 18.78
CA VAL B 143 -4.16 0.45 17.71
C VAL B 143 -2.66 0.43 18.00
N SER B 144 -1.84 0.30 16.95
CA SER B 144 -0.39 0.32 17.10
C SER B 144 0.12 1.67 16.68
N LEU B 145 1.15 2.11 17.38
CA LEU B 145 1.80 3.40 17.14
C LEU B 145 3.28 3.24 17.05
N VAL B 146 3.93 4.18 16.36
CA VAL B 146 5.37 4.16 16.19
C VAL B 146 5.95 5.54 16.36
N LEU B 147 7.23 5.54 16.70
CA LEU B 147 7.97 6.76 16.96
C LEU B 147 9.26 6.70 16.14
N PRO B 148 9.13 6.86 14.83
CA PRO B 148 10.31 6.87 13.95
C PRO B 148 11.11 8.17 14.10
N GLN B 149 12.43 8.07 14.11
CA GLN B 149 13.28 9.24 14.28
C GLN B 149 13.76 9.76 12.93
N GLU B 150 13.56 11.07 12.73
CA GLU B 150 13.87 11.72 11.46
C GLU B 150 13.10 11.04 10.33
N ALA B 151 11.79 10.95 10.52
CA ALA B 151 10.90 10.38 9.52
C ALA B 151 10.94 11.22 8.24
N ALA B 152 11.02 10.57 7.08
CA ALA B 152 11.02 11.27 5.79
C ALA B 152 9.61 11.34 5.24
N ASP B 153 9.17 10.24 4.65
CA ASP B 153 7.82 10.13 4.16
C ASP B 153 6.93 9.69 5.30
N VAL B 154 5.76 10.31 5.42
CA VAL B 154 4.85 10.01 6.52
C VAL B 154 4.24 8.61 6.39
N ARG B 155 3.88 8.21 5.18
CA ARG B 155 3.13 6.96 4.99
C ARG B 155 4.05 5.79 5.20
N GLN B 156 5.32 5.94 4.84
CA GLN B 156 6.23 4.81 4.94
C GLN B 156 6.89 4.76 6.32
N SER B 157 6.84 5.85 7.07
CA SER B 157 7.38 5.87 8.43
C SER B 157 6.34 5.55 9.51
N PHE B 158 5.15 6.14 9.40
CA PHE B 158 4.11 5.95 10.43
C PHE B 158 3.01 5.01 9.96
N CYS B 159 2.27 5.47 8.95
CA CYS B 159 1.04 4.82 8.52
C CYS B 159 1.17 3.35 8.35
N CYS B 160 2.24 2.92 7.67
CA CYS B 160 2.34 1.53 7.31
C CYS B 160 2.46 0.65 8.59
N HIS B 161 2.76 1.25 9.75
CA HIS B 161 2.84 0.51 11.03
C HIS B 161 1.71 0.80 12.02
N VAL B 162 0.72 1.57 11.58
CA VAL B 162 -0.38 1.98 12.47
C VAL B 162 -1.61 1.23 12.05
N HIS B 163 -1.90 0.16 12.78
CA HIS B 163 -2.94 -0.77 12.41
C HIS B 163 -4.04 -0.85 13.45
N PHE B 164 -5.18 -1.41 13.07
CA PHE B 164 -6.17 -1.83 14.05
C PHE B 164 -5.88 -3.29 14.45
N PHE B 165 -6.20 -3.64 15.71
CA PHE B 165 -6.09 -5.00 16.24
C PHE B 165 -7.36 -5.35 17.02
N ALA B 166 -7.68 -6.64 17.03
CA ALA B 166 -8.88 -7.15 17.70
C ALA B 166 -8.89 -6.93 19.21
N SER B 167 -7.72 -6.86 19.81
CA SER B 167 -7.63 -6.61 21.23
C SER B 167 -6.24 -6.14 21.60
N VAL B 168 -6.11 -5.64 22.82
CA VAL B 168 -4.83 -5.18 23.28
C VAL B 168 -3.83 -6.35 23.49
N PRO B 169 -4.28 -7.46 24.08
CA PRO B 169 -3.32 -8.56 24.20
C PRO B 169 -2.89 -9.12 22.85
N THR B 170 -3.82 -9.24 21.91
CA THR B 170 -3.45 -9.69 20.58
C THR B 170 -2.45 -8.75 19.94
N ALA B 171 -2.71 -7.46 20.06
CA ALA B 171 -1.77 -6.46 19.56
C ALA B 171 -0.37 -6.61 20.26
N GLU B 172 -0.40 -6.93 21.55
CA GLU B 172 0.87 -6.95 22.28
C GLU B 172 1.72 -8.16 21.90
N ASP B 173 1.07 -9.27 21.54
CA ASP B 173 1.76 -10.46 21.00
C ASP B 173 2.40 -10.14 19.65
N TRP B 174 1.61 -9.55 18.77
CA TRP B 174 2.13 -9.06 17.50
C TRP B 174 3.31 -8.10 17.71
N ALA B 175 3.21 -7.20 18.68
CA ALA B 175 4.29 -6.26 18.91
C ALA B 175 5.58 -6.96 19.37
N SER B 176 5.44 -8.04 20.15
CA SER B 176 6.60 -8.78 20.65
C SER B 176 7.48 -9.27 19.51
N LYS B 177 6.90 -9.42 18.33
CA LYS B 177 7.62 -9.90 17.16
C LYS B 177 8.10 -8.78 16.25
N HIS B 178 7.76 -7.54 16.59
CA HIS B 178 8.14 -6.41 15.76
C HIS B 178 8.96 -5.32 16.48
N GLN B 179 9.83 -5.75 17.40
CA GLN B 179 10.49 -4.83 18.31
C GLN B 179 11.55 -3.97 17.63
N GLY B 180 11.80 -4.28 16.36
CA GLY B 180 12.68 -3.47 15.56
C GLY B 180 12.00 -2.22 15.05
N LEU B 181 10.72 -2.03 15.36
CA LEU B 181 10.07 -0.76 15.04
C LEU B 181 10.30 0.19 16.20
N GLU B 182 10.90 1.33 15.89
CA GLU B 182 11.26 2.30 16.93
C GLU B 182 10.00 2.89 17.58
N GLY B 183 9.93 2.76 18.89
CA GLY B 183 8.84 3.34 19.65
C GLY B 183 7.54 2.59 19.52
N LEU B 184 7.60 1.33 19.11
CA LEU B 184 6.39 0.56 18.94
C LEU B 184 5.61 0.53 20.24
N ALA B 185 4.32 0.83 20.15
CA ALA B 185 3.45 0.84 21.33
C ALA B 185 2.04 0.50 20.91
N ILE B 186 1.36 -0.17 21.83
CA ILE B 186 -0.02 -0.52 21.61
C ILE B 186 -0.86 0.34 22.52
N VAL B 187 -2.01 0.80 22.01
CA VAL B 187 -2.97 1.55 22.81
C VAL B 187 -4.36 1.12 22.46
N SER B 188 -5.31 1.41 23.34
CA SER B 188 -6.70 1.08 23.08
C SER B 188 -7.19 2.01 21.98
N VAL B 189 -8.24 1.65 21.26
CA VAL B 189 -8.73 2.52 20.21
C VAL B 189 -9.24 3.83 20.87
N HIS B 190 -9.77 3.77 22.10
CA HIS B 190 -10.24 5.00 22.76
C HIS B 190 -9.10 5.97 23.04
N GLU B 191 -7.96 5.46 23.55
CA GLU B 191 -6.73 6.26 23.65
C GLU B 191 -6.25 6.81 22.32
N ALA B 192 -6.34 5.97 21.28
CA ALA B 192 -5.89 6.40 19.94
C ALA B 192 -6.80 7.51 19.45
N PHE B 193 -8.09 7.43 19.78
CA PHE B 193 -9.01 8.50 19.40
C PHE B 193 -8.63 9.80 20.14
N GLY B 194 -8.34 9.71 21.45
CA GLY B 194 -7.86 10.84 22.21
C GLY B 194 -6.59 11.44 21.61
N LEU B 195 -5.63 10.59 21.24
CA LEU B 195 -4.43 11.06 20.52
C LEU B 195 -4.83 11.87 19.29
N GLY B 196 -5.77 11.38 18.50
CA GLY B 196 -6.22 12.10 17.33
C GLY B 196 -6.80 13.49 17.65
N GLN B 197 -7.61 13.55 18.72
CA GLN B 197 -8.19 14.83 19.16
C GLN B 197 -7.14 15.84 19.58
N GLU B 198 -6.13 15.41 20.33
CA GLU B 198 -5.03 16.34 20.64
C GLU B 198 -4.31 16.77 19.36
N PHE B 199 -4.03 15.83 18.48
CA PHE B 199 -3.37 16.17 17.23
C PHE B 199 -4.14 17.28 16.52
N ASN B 200 -5.45 17.11 16.41
CA ASN B 200 -6.29 18.06 15.70
C ASN B 200 -6.33 19.46 16.35
N ARG B 201 -6.37 19.48 17.68
CA ARG B 201 -6.34 20.70 18.48
C ARG B 201 -5.08 21.48 18.13
N HIS B 202 -3.92 20.86 18.27
CA HIS B 202 -2.65 21.52 17.93
C HIS B 202 -2.56 21.89 16.43
N LEU B 203 -3.14 21.07 15.56
CA LEU B 203 -3.06 21.32 14.12
C LEU B 203 -3.83 22.58 13.77
N LEU B 204 -5.00 22.74 14.40
CA LEU B 204 -5.90 23.82 14.07
C LEU B 204 -5.41 25.13 14.70
N GLN B 205 -4.37 25.04 15.51
CA GLN B 205 -3.69 26.23 16.05
C GLN B 205 -2.63 26.71 15.07
N THR B 206 -1.98 25.76 14.41
CA THR B 206 -0.94 26.00 13.40
C THR B 206 -1.43 26.74 12.19
N MET B 207 -2.73 26.62 11.92
CA MET B 207 -3.30 27.07 10.66
C MET B 207 -3.46 28.58 10.66
N SER B 208 -3.59 29.15 9.48
CA SER B 208 -3.81 30.59 9.34
C SER B 208 -5.28 30.94 9.57
#